data_6YMR
#
_entry.id   6YMR
#
_cell.length_a   92.768
_cell.length_b   92.768
_cell.length_c   129.602
_cell.angle_alpha   90.000
_cell.angle_beta   90.000
_cell.angle_gamma   120.000
#
_symmetry.space_group_name_H-M   'P 61 2 2'
#
loop_
_entity.id
_entity.type
_entity.pdbx_description
1 polymer Thermolysin
2 non-polymer 'ZINC ION'
3 non-polymer 'CALCIUM ION'
4 non-polymer 'DIMETHYL SULFOXIDE'
5 non-polymer (((R)-1-(((benzyloxy)carbonyl)amino)-2-phenylethyl)oxidophosphoryl)glycyl-L-leucinate
6 water water
#
_entity_poly.entity_id   1
_entity_poly.type   'polypeptide(L)'
_entity_poly.pdbx_seq_one_letter_code
;ITGTSTVGVGRGVLGDQKNINTTYSTYYYLQDNTRGNGIFTYDAKYRTTLPGSLWADADNQFFASYDAPAVDAHYYAGVT
YDYYKNVHNRLSYDGNNAAIRSSVHYSQGYNNAFWNGSQMVYGDGDGQTFIPLSGGIDVVAHELTHAVTDYTAGLIYQNE
SGAINEAISDIFGTLVEFYANKNPDWEIGEDVYTPGISGDSLRSMSDPAKYGDPDHYSKRYTGTQDNGGVHINSGIINKA
AYLISQGGTHYGVSVVGIGRDKLGKIFYRALTQYLTPTSNFSQLRAAAVQSATDLYGSTSQEVASVKQAFDAVGVK
;
_entity_poly.pdbx_strand_id   E
#
loop_
_chem_comp.id
_chem_comp.type
_chem_comp.name
_chem_comp.formula
CA non-polymer 'CALCIUM ION' 'Ca 2'
DMS non-polymer 'DIMETHYL SULFOXIDE' 'C2 H6 O S'
OZE non-polymer (((R)-1-(((benzyloxy)carbonyl)amino)-2-phenylethyl)oxidophosphoryl)glycyl-L-leucinate 'C24 H32 N3 O7 P'
ZN non-polymer 'ZINC ION' 'Zn 2'
#
# COMPACT_ATOMS: atom_id res chain seq x y z
N ILE A 1 -20.98 8.34 12.72
CA ILE A 1 -21.94 8.91 13.70
C ILE A 1 -22.08 10.42 13.45
N THR A 2 -23.18 10.99 13.91
CA THR A 2 -23.40 12.42 13.81
C THR A 2 -22.78 13.10 15.03
N GLY A 3 -21.95 14.10 14.79
CA GLY A 3 -21.29 14.78 15.88
C GLY A 3 -20.50 15.96 15.38
N THR A 4 -19.56 16.42 16.19
CA THR A 4 -18.72 17.56 15.81
C THR A 4 -17.28 17.12 15.68
N SER A 5 -16.62 17.63 14.65
CA SER A 5 -15.24 17.25 14.36
C SER A 5 -14.30 17.82 15.40
N THR A 6 -13.40 16.97 15.89
CA THR A 6 -12.48 17.28 16.97
C THR A 6 -11.11 16.77 16.59
N VAL A 7 -10.11 17.08 17.41
CA VAL A 7 -8.75 16.59 17.18
C VAL A 7 -8.22 15.99 18.47
N GLY A 8 -7.97 14.68 18.43
CA GLY A 8 -7.38 13.98 19.54
C GLY A 8 -5.87 13.84 19.36
N VAL A 9 -5.25 13.19 20.34
N VAL A 9 -5.26 13.20 20.35
CA VAL A 9 -3.81 12.99 20.32
CA VAL A 9 -3.81 12.99 20.37
C VAL A 9 -3.53 11.61 20.91
C VAL A 9 -3.54 11.59 20.90
N GLY A 10 -2.50 10.96 20.39
CA GLY A 10 -2.18 9.63 20.87
C GLY A 10 -0.80 9.19 20.42
N ARG A 11 -0.49 7.94 20.68
CA ARG A 11 0.78 7.35 20.26
C ARG A 11 0.52 6.15 19.36
N GLY A 12 1.32 6.04 18.31
CA GLY A 12 1.23 4.91 17.40
C GLY A 12 2.02 3.70 17.89
N VAL A 13 1.99 2.67 17.05
CA VAL A 13 2.65 1.39 17.35
C VAL A 13 4.14 1.57 17.67
N LEU A 14 4.81 2.47 16.98
CA LEU A 14 6.23 2.68 17.21
C LEU A 14 6.52 3.71 18.28
N GLY A 15 5.50 4.17 19.00
CA GLY A 15 5.69 5.06 20.12
C GLY A 15 5.73 6.53 19.79
N ASP A 16 5.34 6.89 18.57
CA ASP A 16 5.38 8.26 18.10
C ASP A 16 4.05 8.95 18.39
N GLN A 17 4.12 10.20 18.83
CA GLN A 17 2.91 10.95 19.13
C GLN A 17 2.37 11.60 17.86
N LYS A 18 1.07 11.50 17.65
CA LYS A 18 0.48 12.20 16.52
C LYS A 18 -0.93 12.64 16.86
N ASN A 19 -1.38 13.67 16.16
CA ASN A 19 -2.76 14.14 16.25
C ASN A 19 -3.62 13.39 15.26
N ILE A 20 -4.87 13.12 15.64
N ILE A 20 -4.87 13.10 15.65
CA ILE A 20 -5.80 12.38 14.81
CA ILE A 20 -5.81 12.36 14.82
C ILE A 20 -7.14 13.09 14.80
C ILE A 20 -7.14 13.08 14.81
N ASN A 21 -7.77 13.09 13.65
CA ASN A 21 -9.11 13.68 13.50
C ASN A 21 -10.15 12.72 14.08
N THR A 22 -10.94 13.20 15.03
CA THR A 22 -11.98 12.41 15.69
C THR A 22 -13.33 13.13 15.58
N THR A 23 -14.37 12.48 16.10
CA THR A 23 -15.71 13.05 16.15
C THR A 23 -16.25 12.90 17.56
N TYR A 24 -16.80 13.98 18.11
CA TYR A 24 -17.38 13.92 19.45
C TYR A 24 -18.90 13.81 19.39
N SER A 25 -19.42 12.81 20.09
CA SER A 25 -20.84 12.71 20.39
C SER A 25 -20.92 11.69 21.54
N THR A 26 -20.94 12.21 22.77
CA THR A 26 -20.86 11.47 24.02
C THR A 26 -19.45 10.89 24.21
N TYR A 27 -19.02 10.05 23.27
CA TYR A 27 -17.66 9.58 23.18
C TYR A 27 -16.93 10.33 22.07
N TYR A 28 -15.60 10.21 22.07
CA TYR A 28 -14.78 10.61 20.95
C TYR A 28 -14.53 9.39 20.08
N TYR A 29 -14.90 9.47 18.81
CA TYR A 29 -14.78 8.36 17.89
C TYR A 29 -13.66 8.58 16.88
N LEU A 30 -13.05 7.47 16.44
CA LEU A 30 -12.06 7.52 15.35
C LEU A 30 -12.84 7.63 14.05
N GLN A 31 -13.26 8.85 13.79
CA GLN A 31 -14.03 9.22 12.61
C GLN A 31 -13.50 10.59 12.19
N ASP A 32 -12.84 10.63 11.04
CA ASP A 32 -12.20 11.82 10.49
C ASP A 32 -13.14 12.37 9.43
N ASN A 33 -13.78 13.51 9.73
CA ASN A 33 -14.71 14.11 8.79
C ASN A 33 -14.04 15.06 7.79
N THR A 34 -12.71 15.24 7.89
CA THR A 34 -12.02 16.21 7.05
C THR A 34 -11.63 15.66 5.69
N ARG A 35 -11.80 14.36 5.46
CA ARG A 35 -11.36 13.73 4.22
C ARG A 35 -12.53 12.99 3.59
N GLY A 36 -13.00 13.49 2.46
CA GLY A 36 -14.05 12.81 1.73
C GLY A 36 -15.31 12.60 2.56
N ASN A 37 -15.90 11.42 2.43
CA ASN A 37 -17.04 11.03 3.24
C ASN A 37 -16.62 10.36 4.53
N GLY A 38 -15.37 10.52 4.92
CA GLY A 38 -14.92 10.15 6.25
C GLY A 38 -13.95 8.99 6.22
N ILE A 39 -13.09 8.98 7.25
CA ILE A 39 -12.26 7.84 7.58
C ILE A 39 -12.71 7.31 8.93
N PHE A 40 -13.02 6.01 8.99
CA PHE A 40 -13.64 5.36 10.14
C PHE A 40 -12.78 4.18 10.56
N THR A 41 -12.42 4.10 11.83
CA THR A 41 -11.59 3.03 12.35
C THR A 41 -12.32 2.30 13.46
N TYR A 42 -12.28 0.96 13.40
CA TYR A 42 -13.08 0.04 14.20
C TYR A 42 -12.20 -0.88 15.02
N ASP A 43 -12.77 -1.31 16.16
CA ASP A 43 -12.18 -2.31 17.04
C ASP A 43 -12.80 -3.68 16.73
N ALA A 44 -11.99 -4.62 16.24
CA ALA A 44 -12.47 -5.97 16.04
C ALA A 44 -12.31 -6.86 17.27
N LYS A 45 -11.65 -6.36 18.33
CA LYS A 45 -11.70 -6.97 19.66
C LYS A 45 -11.21 -8.41 19.68
N TYR A 46 -10.19 -8.71 18.88
CA TYR A 46 -9.56 -10.02 18.75
C TYR A 46 -10.45 -11.07 18.12
N ARG A 47 -11.58 -10.69 17.53
CA ARG A 47 -12.44 -11.60 16.79
C ARG A 47 -12.24 -11.38 15.30
N THR A 48 -12.93 -12.20 14.49
CA THR A 48 -12.89 -12.07 13.05
C THR A 48 -14.21 -11.59 12.46
N THR A 49 -15.20 -11.27 13.28
N THR A 49 -15.18 -11.27 13.31
CA THR A 49 -16.38 -10.63 12.75
CA THR A 49 -16.37 -10.55 12.87
C THR A 49 -16.09 -9.16 12.49
C THR A 49 -15.96 -9.15 12.45
N LEU A 50 -16.53 -8.68 11.34
CA LEU A 50 -16.18 -7.36 10.83
C LEU A 50 -17.42 -6.51 10.60
N PRO A 51 -17.30 -5.20 10.76
CA PRO A 51 -16.06 -4.49 11.10
C PRO A 51 -15.70 -4.46 12.59
N GLY A 52 -16.63 -4.85 13.45
CA GLY A 52 -16.50 -4.59 14.86
C GLY A 52 -17.20 -3.31 15.22
N SER A 53 -16.73 -2.61 16.25
CA SER A 53 -17.42 -1.41 16.71
C SER A 53 -16.58 -0.18 16.41
N LEU A 54 -17.25 0.88 15.97
CA LEU A 54 -16.54 2.12 15.69
C LEU A 54 -15.79 2.51 16.94
N TRP A 55 -14.51 2.84 16.79
CA TRP A 55 -13.64 3.05 17.94
C TRP A 55 -14.09 4.26 18.75
N ALA A 56 -14.38 4.03 20.03
CA ALA A 56 -14.87 5.04 20.96
C ALA A 56 -13.90 5.18 22.12
N ASP A 57 -13.71 6.42 22.55
CA ASP A 57 -12.75 6.74 23.59
C ASP A 57 -13.33 7.86 24.44
N ALA A 58 -13.16 7.75 25.77
CA ALA A 58 -13.80 8.68 26.69
C ALA A 58 -13.21 10.09 26.66
N ASP A 59 -11.90 10.24 26.39
CA ASP A 59 -11.25 11.54 26.64
C ASP A 59 -10.46 12.10 25.46
N ASN A 60 -10.51 11.46 24.28
CA ASN A 60 -9.85 11.96 23.08
C ASN A 60 -8.33 11.89 23.19
N GLN A 61 -7.82 11.09 24.11
CA GLN A 61 -6.40 10.82 24.25
C GLN A 61 -6.18 9.32 24.03
N PHE A 62 -5.24 8.96 23.17
CA PHE A 62 -5.11 7.60 22.69
C PHE A 62 -3.69 7.09 22.95
N PHE A 63 -3.32 7.01 24.22
CA PHE A 63 -1.97 6.65 24.63
C PHE A 63 -1.86 5.25 25.22
N ALA A 64 -2.95 4.50 25.25
CA ALA A 64 -2.89 3.14 25.76
C ALA A 64 -2.28 2.21 24.72
N SER A 65 -1.64 1.14 25.20
N SER A 65 -1.64 1.15 25.21
CA SER A 65 -1.08 0.16 24.27
CA SER A 65 -1.08 0.14 24.32
C SER A 65 -2.14 -0.34 23.30
C SER A 65 -2.12 -0.36 23.33
N TYR A 66 -3.34 -0.61 23.82
CA TYR A 66 -4.40 -1.14 22.97
C TYR A 66 -4.82 -0.13 21.91
N ASP A 67 -4.60 1.16 22.16
CA ASP A 67 -5.00 2.20 21.20
C ASP A 67 -4.06 2.28 20.01
N ALA A 68 -2.81 1.87 20.17
CA ALA A 68 -1.79 2.24 19.19
C ALA A 68 -2.11 1.74 17.79
N PRO A 69 -2.56 0.50 17.57
CA PRO A 69 -2.85 0.09 16.20
C PRO A 69 -3.95 0.89 15.56
N ALA A 70 -4.92 1.35 16.35
CA ALA A 70 -6.01 2.14 15.82
C ALA A 70 -5.54 3.53 15.43
N VAL A 71 -4.71 4.14 16.29
CA VAL A 71 -4.14 5.44 15.97
C VAL A 71 -3.46 5.40 14.60
N ASP A 72 -2.63 4.38 14.36
CA ASP A 72 -1.86 4.34 13.12
C ASP A 72 -2.72 3.95 11.93
N ALA A 73 -3.65 3.00 12.08
CA ALA A 73 -4.55 2.70 10.97
C ALA A 73 -5.30 3.95 10.52
N HIS A 74 -5.77 4.71 11.49
CA HIS A 74 -6.57 5.91 11.22
C HIS A 74 -5.71 7.00 10.58
N TYR A 75 -4.55 7.26 11.18
CA TYR A 75 -3.70 8.34 10.70
C TYR A 75 -3.13 8.02 9.33
N TYR A 76 -2.65 6.80 9.14
CA TYR A 76 -2.02 6.47 7.86
C TYR A 76 -3.05 6.33 6.75
N ALA A 77 -4.28 5.96 7.07
CA ALA A 77 -5.32 6.06 6.05
C ALA A 77 -5.48 7.51 5.59
N GLY A 78 -5.40 8.46 6.53
CA GLY A 78 -5.49 9.85 6.14
C GLY A 78 -4.33 10.31 5.26
N VAL A 79 -3.11 9.90 5.59
CA VAL A 79 -1.97 10.26 4.76
C VAL A 79 -2.14 9.68 3.36
N THR A 80 -2.61 8.43 3.28
CA THR A 80 -2.80 7.80 1.98
C THR A 80 -3.87 8.52 1.18
N TYR A 81 -4.98 8.90 1.83
CA TYR A 81 -5.98 9.71 1.16
C TYR A 81 -5.37 10.99 0.62
N ASP A 82 -4.54 11.66 1.43
CA ASP A 82 -3.92 12.91 1.01
C ASP A 82 -3.00 12.69 -0.19
N TYR A 83 -2.26 11.59 -0.20
CA TYR A 83 -1.39 11.29 -1.34
C TYR A 83 -2.20 11.19 -2.62
N TYR A 84 -3.26 10.38 -2.61
CA TYR A 84 -3.99 10.14 -3.85
C TYR A 84 -4.68 11.42 -4.31
N LYS A 85 -5.19 12.22 -3.36
CA LYS A 85 -5.85 13.46 -3.74
C LYS A 85 -4.85 14.50 -4.25
N ASN A 86 -3.77 14.74 -3.50
CA ASN A 86 -2.85 15.82 -3.84
C ASN A 86 -1.96 15.47 -5.03
N VAL A 87 -1.59 14.20 -5.15
CA VAL A 87 -0.64 13.82 -6.19
C VAL A 87 -1.36 13.39 -7.46
N HIS A 88 -2.48 12.69 -7.36
CA HIS A 88 -3.17 12.12 -8.52
C HIS A 88 -4.56 12.68 -8.76
N ASN A 89 -4.99 13.64 -7.96
CA ASN A 89 -6.34 14.19 -8.05
C ASN A 89 -7.40 13.10 -8.00
N ARG A 90 -7.15 12.09 -7.16
CA ARG A 90 -8.10 11.01 -6.93
C ARG A 90 -8.70 11.15 -5.54
N LEU A 91 -10.03 11.15 -5.46
CA LEU A 91 -10.76 11.36 -4.21
C LEU A 91 -11.15 9.99 -3.67
N SER A 92 -10.38 9.51 -2.69
CA SER A 92 -10.54 8.21 -2.08
C SER A 92 -10.35 7.08 -3.09
N TYR A 93 -10.63 5.86 -2.67
CA TYR A 93 -10.24 4.72 -3.50
C TYR A 93 -11.15 4.57 -4.72
N ASP A 94 -12.39 5.04 -4.64
CA ASP A 94 -13.29 4.93 -5.78
C ASP A 94 -13.32 6.17 -6.65
N GLY A 95 -12.55 7.19 -6.32
CA GLY A 95 -12.58 8.45 -7.04
C GLY A 95 -13.78 9.31 -6.76
N ASN A 96 -14.65 8.89 -5.84
CA ASN A 96 -15.85 9.63 -5.49
C ASN A 96 -15.97 9.80 -3.99
N ASN A 97 -14.82 9.84 -3.29
CA ASN A 97 -14.76 10.10 -1.86
C ASN A 97 -15.48 9.05 -1.01
N ALA A 98 -15.44 7.77 -1.43
CA ALA A 98 -15.95 6.70 -0.60
C ALA A 98 -15.34 6.76 0.80
N ALA A 99 -16.18 6.49 1.81
CA ALA A 99 -15.69 6.36 3.18
C ALA A 99 -14.66 5.24 3.26
N ILE A 100 -13.59 5.51 4.02
CA ILE A 100 -12.51 4.56 4.22
C ILE A 100 -12.68 3.93 5.59
N ARG A 101 -12.81 2.60 5.63
CA ARG A 101 -13.07 1.87 6.87
C ARG A 101 -11.94 0.89 7.13
N SER A 102 -11.46 0.88 8.39
CA SER A 102 -10.41 -0.03 8.82
C SER A 102 -10.79 -0.66 10.16
N SER A 103 -10.45 -1.94 10.33
CA SER A 103 -10.57 -2.59 11.63
C SER A 103 -9.20 -3.05 12.09
N VAL A 104 -8.94 -2.88 13.39
CA VAL A 104 -7.70 -3.33 14.01
C VAL A 104 -8.04 -4.36 15.10
N HIS A 105 -6.99 -4.97 15.65
CA HIS A 105 -7.14 -6.07 16.60
C HIS A 105 -7.96 -7.21 16.00
N TYR A 106 -7.70 -7.50 14.73
CA TYR A 106 -8.37 -8.60 14.06
C TYR A 106 -7.75 -9.92 14.49
N SER A 107 -8.59 -10.78 15.05
CA SER A 107 -8.21 -12.11 15.51
C SER A 107 -7.14 -12.05 16.58
N GLN A 108 -6.45 -13.18 16.83
CA GLN A 108 -5.42 -13.29 17.85
C GLN A 108 -4.10 -13.63 17.18
N GLY A 109 -3.09 -12.80 17.40
CA GLY A 109 -1.76 -13.07 16.88
C GLY A 109 -1.69 -13.22 15.38
N TYR A 110 -2.50 -12.47 14.64
CA TYR A 110 -2.64 -12.63 13.21
C TYR A 110 -1.55 -11.83 12.48
N ASN A 111 -0.72 -12.56 11.73
CA ASN A 111 0.42 -11.98 11.04
C ASN A 111 0.10 -11.55 9.62
N ASN A 112 -0.93 -10.73 9.44
CA ASN A 112 -1.26 -10.25 8.10
C ASN A 112 -2.20 -9.06 8.19
N ALA A 113 -2.51 -8.52 7.01
CA ALA A 113 -3.44 -7.41 6.84
C ALA A 113 -4.03 -7.56 5.44
N PHE A 114 -5.20 -6.99 5.22
CA PHE A 114 -5.82 -7.14 3.92
C PHE A 114 -6.89 -6.09 3.65
N TRP A 115 -7.21 -5.95 2.36
CA TRP A 115 -8.43 -5.31 1.87
C TRP A 115 -9.40 -6.41 1.52
N ASN A 116 -10.64 -6.35 2.04
CA ASN A 116 -11.55 -7.47 1.85
C ASN A 116 -12.64 -7.18 0.83
N GLY A 117 -12.50 -6.12 0.05
CA GLY A 117 -13.51 -5.72 -0.90
C GLY A 117 -14.41 -4.63 -0.38
N SER A 118 -14.37 -4.37 0.93
CA SER A 118 -15.20 -3.37 1.58
C SER A 118 -14.40 -2.49 2.53
N GLN A 119 -13.34 -3.03 3.13
CA GLN A 119 -12.62 -2.35 4.20
C GLN A 119 -11.22 -2.92 4.36
N MET A 120 -10.40 -2.20 5.12
N MET A 120 -10.40 -2.18 5.11
CA MET A 120 -9.07 -2.68 5.48
CA MET A 120 -9.07 -2.63 5.53
C MET A 120 -9.12 -3.35 6.84
C MET A 120 -9.18 -3.41 6.83
N VAL A 121 -8.27 -4.36 7.02
CA VAL A 121 -8.24 -5.22 8.20
C VAL A 121 -6.78 -5.45 8.59
N TYR A 122 -6.45 -5.27 9.87
CA TYR A 122 -5.08 -5.42 10.35
C TYR A 122 -5.00 -6.36 11.54
N GLY A 123 -4.13 -7.37 11.42
CA GLY A 123 -3.78 -8.16 12.58
C GLY A 123 -2.84 -7.40 13.51
N ASP A 124 -2.70 -7.92 14.73
CA ASP A 124 -1.74 -7.40 15.70
C ASP A 124 -0.36 -8.04 15.58
N GLY A 125 -0.22 -9.09 14.77
CA GLY A 125 0.99 -9.87 14.76
C GLY A 125 1.09 -10.73 16.02
N ASP A 126 2.01 -11.70 16.01
CA ASP A 126 2.21 -12.57 17.16
C ASP A 126 3.29 -12.05 18.10
N GLY A 127 3.84 -10.88 17.84
CA GLY A 127 4.82 -10.25 18.68
C GLY A 127 6.24 -10.64 18.36
N GLN A 128 6.42 -11.65 17.53
CA GLN A 128 7.73 -12.12 17.10
C GLN A 128 7.93 -11.95 15.60
N THR A 129 7.01 -12.45 14.80
CA THR A 129 7.05 -12.22 13.36
C THR A 129 6.64 -10.80 13.02
N PHE A 130 5.67 -10.25 13.74
CA PHE A 130 5.13 -8.93 13.48
C PHE A 130 4.72 -8.28 14.79
N ILE A 131 4.77 -6.95 14.80
CA ILE A 131 3.98 -6.12 15.72
C ILE A 131 2.80 -5.60 14.89
N PRO A 132 1.84 -4.90 15.48
CA PRO A 132 0.61 -4.63 14.75
C PRO A 132 0.86 -3.96 13.42
N LEU A 133 0.24 -4.49 12.36
CA LEU A 133 0.69 -4.20 11.02
C LEU A 133 0.32 -2.79 10.55
N SER A 134 -0.68 -2.14 11.18
CA SER A 134 -0.97 -0.76 10.84
C SER A 134 0.16 0.19 11.23
N GLY A 135 1.17 -0.28 11.94
CA GLY A 135 2.32 0.56 12.22
C GLY A 135 3.18 0.86 11.02
N GLY A 136 2.94 0.19 9.89
CA GLY A 136 3.71 0.41 8.70
C GLY A 136 2.92 1.23 7.71
N ILE A 137 3.41 2.44 7.42
CA ILE A 137 2.68 3.29 6.49
C ILE A 137 2.65 2.64 5.11
N ASP A 138 3.73 1.95 4.73
CA ASP A 138 3.71 1.27 3.45
C ASP A 138 2.68 0.14 3.42
N VAL A 139 2.48 -0.54 4.56
CA VAL A 139 1.46 -1.59 4.64
C VAL A 139 0.08 -0.99 4.51
N VAL A 140 -0.21 0.07 5.28
CA VAL A 140 -1.53 0.71 5.18
C VAL A 140 -1.80 1.16 3.75
N ALA A 141 -0.84 1.85 3.14
CA ALA A 141 -1.06 2.30 1.76
C ALA A 141 -1.13 1.13 0.78
N HIS A 142 -0.39 0.05 1.04
CA HIS A 142 -0.51 -1.18 0.24
C HIS A 142 -1.95 -1.68 0.24
N GLU A 143 -2.57 -1.70 1.42
CA GLU A 143 -3.93 -2.23 1.52
C GLU A 143 -4.91 -1.30 0.85
N LEU A 144 -4.80 0.02 1.10
CA LEU A 144 -5.71 0.96 0.47
C LEU A 144 -5.53 0.97 -1.05
N THR A 145 -4.32 0.70 -1.52
CA THR A 145 -4.13 0.64 -2.97
C THR A 145 -4.84 -0.58 -3.57
N HIS A 146 -4.99 -1.68 -2.83
CA HIS A 146 -5.80 -2.79 -3.35
C HIS A 146 -7.21 -2.32 -3.65
N ALA A 147 -7.74 -1.39 -2.84
CA ALA A 147 -9.07 -0.85 -3.08
C ALA A 147 -9.07 0.01 -4.34
N VAL A 148 -8.05 0.85 -4.51
CA VAL A 148 -7.92 1.61 -5.75
C VAL A 148 -7.92 0.66 -6.96
N THR A 149 -7.13 -0.39 -6.90
CA THR A 149 -7.10 -1.37 -7.99
C THR A 149 -8.48 -1.99 -8.21
N ASP A 150 -9.17 -2.34 -7.13
CA ASP A 150 -10.50 -2.92 -7.24
C ASP A 150 -11.46 -2.05 -8.04
N TYR A 151 -11.34 -0.73 -7.91
CA TYR A 151 -12.24 0.20 -8.56
C TYR A 151 -11.73 0.68 -9.91
N THR A 152 -10.55 0.21 -10.33
CA THR A 152 -9.98 0.63 -11.59
C THR A 152 -9.70 -0.62 -12.41
N ALA A 153 -8.46 -1.08 -12.46
CA ALA A 153 -8.14 -2.19 -13.36
C ALA A 153 -8.86 -3.48 -12.98
N GLY A 154 -9.06 -3.73 -11.69
CA GLY A 154 -9.71 -4.96 -11.26
C GLY A 154 -8.89 -6.21 -11.45
N LEU A 155 -7.57 -6.09 -11.46
CA LEU A 155 -6.64 -7.19 -11.63
C LEU A 155 -7.02 -8.41 -10.78
N ILE A 156 -7.28 -9.53 -11.46
N ILE A 156 -7.27 -9.54 -11.45
CA ILE A 156 -7.58 -10.79 -10.79
CA ILE A 156 -7.59 -10.78 -10.77
C ILE A 156 -6.41 -11.20 -9.91
C ILE A 156 -6.41 -11.24 -9.93
N TYR A 157 -6.71 -11.72 -8.73
CA TYR A 157 -5.67 -12.03 -7.74
C TYR A 157 -5.14 -13.44 -7.90
N GLN A 158 -4.57 -13.70 -9.08
CA GLN A 158 -3.99 -14.99 -9.41
C GLN A 158 -2.97 -14.80 -10.52
N ASN A 159 -1.87 -15.53 -10.45
CA ASN A 159 -0.87 -15.66 -11.55
C ASN A 159 -0.36 -14.25 -11.89
N GLU A 160 -0.14 -13.93 -13.17
CA GLU A 160 0.54 -12.68 -13.49
C GLU A 160 -0.32 -11.47 -13.16
N SER A 161 -1.64 -11.54 -13.41
N SER A 161 -1.63 -11.54 -13.44
CA SER A 161 -2.46 -10.38 -13.08
CA SER A 161 -2.52 -10.45 -13.07
C SER A 161 -2.47 -10.11 -11.58
C SER A 161 -2.40 -10.13 -11.60
N GLY A 162 -2.40 -11.17 -10.77
CA GLY A 162 -2.34 -10.98 -9.33
C GLY A 162 -0.99 -10.45 -8.87
N ALA A 163 0.09 -10.85 -9.54
CA ALA A 163 1.40 -10.29 -9.20
C ALA A 163 1.50 -8.81 -9.59
N ILE A 164 0.83 -8.40 -10.67
CA ILE A 164 0.74 -6.97 -10.97
C ILE A 164 -0.07 -6.27 -9.87
N ASN A 165 -1.20 -6.86 -9.49
CA ASN A 165 -2.01 -6.31 -8.42
C ASN A 165 -1.16 -6.07 -7.17
N GLU A 166 -0.39 -7.08 -6.78
CA GLU A 166 0.50 -6.95 -5.63
C GLU A 166 1.55 -5.86 -5.84
N ALA A 167 2.21 -5.86 -7.01
CA ALA A 167 3.26 -4.88 -7.24
C ALA A 167 2.70 -3.46 -7.22
N ILE A 168 1.51 -3.25 -7.77
CA ILE A 168 0.89 -1.93 -7.71
C ILE A 168 0.76 -1.47 -6.26
N SER A 169 0.34 -2.37 -5.38
CA SER A 169 0.20 -2.03 -3.97
C SER A 169 1.55 -1.78 -3.31
N ASP A 170 2.61 -2.50 -3.70
CA ASP A 170 3.93 -2.22 -3.13
C ASP A 170 4.50 -0.90 -3.66
N ILE A 171 4.26 -0.62 -4.94
CA ILE A 171 4.73 0.63 -5.55
C ILE A 171 4.09 1.83 -4.88
N PHE A 172 2.77 1.84 -4.80
CA PHE A 172 2.13 3.01 -4.21
C PHE A 172 2.25 3.04 -2.69
N GLY A 173 2.35 1.87 -2.04
CA GLY A 173 2.69 1.90 -0.64
C GLY A 173 4.02 2.58 -0.39
N THR A 174 5.00 2.30 -1.25
CA THR A 174 6.30 2.93 -1.12
C THR A 174 6.25 4.41 -1.49
N LEU A 175 5.50 4.78 -2.54
CA LEU A 175 5.42 6.19 -2.89
C LEU A 175 4.70 6.99 -1.81
N VAL A 176 3.71 6.39 -1.13
CA VAL A 176 3.12 7.07 0.01
C VAL A 176 4.13 7.22 1.14
N GLU A 177 4.96 6.18 1.37
CA GLU A 177 5.97 6.30 2.42
C GLU A 177 6.94 7.44 2.12
N PHE A 178 7.33 7.59 0.84
CA PHE A 178 8.17 8.72 0.48
C PHE A 178 7.42 10.03 0.64
N TYR A 179 6.14 10.07 0.28
CA TYR A 179 5.32 11.28 0.42
C TYR A 179 5.32 11.77 1.87
N ALA A 180 5.12 10.85 2.82
CA ALA A 180 5.13 11.23 4.23
C ALA A 180 6.53 11.58 4.70
N ASN A 181 7.55 11.03 4.03
CA ASN A 181 8.96 11.41 4.21
C ASN A 181 9.47 11.16 5.63
N LYS A 182 9.07 10.04 6.22
CA LYS A 182 9.66 9.56 7.47
C LYS A 182 10.35 8.23 7.19
N ASN A 183 11.67 8.24 7.21
CA ASN A 183 12.46 7.04 6.99
C ASN A 183 12.04 6.29 5.74
N PRO A 184 11.89 6.94 4.60
CA PRO A 184 11.42 6.23 3.40
C PRO A 184 12.49 5.32 2.82
N ASP A 185 12.04 4.28 2.15
CA ASP A 185 12.90 3.29 1.55
C ASP A 185 12.10 2.52 0.50
N TRP A 186 12.79 1.62 -0.21
CA TRP A 186 12.17 0.75 -1.18
C TRP A 186 11.97 -0.67 -0.65
N GLU A 187 11.84 -0.81 0.66
CA GLU A 187 11.51 -2.06 1.32
C GLU A 187 10.05 -2.02 1.74
N ILE A 188 9.47 -3.20 1.97
CA ILE A 188 8.05 -3.30 2.35
C ILE A 188 7.95 -3.90 3.74
N GLY A 189 7.34 -3.14 4.66
CA GLY A 189 6.97 -3.68 5.95
C GLY A 189 8.04 -3.62 7.01
N GLU A 190 9.14 -2.92 6.75
CA GLU A 190 10.26 -2.92 7.68
C GLU A 190 9.91 -2.37 9.06
N ASP A 191 8.87 -1.52 9.16
CA ASP A 191 8.57 -0.93 10.45
C ASP A 191 7.80 -1.87 11.38
N VAL A 192 7.23 -2.96 10.87
CA VAL A 192 6.43 -3.85 11.71
C VAL A 192 6.89 -5.30 11.67
N TYR A 193 7.79 -5.63 10.75
CA TYR A 193 8.31 -7.00 10.65
C TYR A 193 9.44 -7.26 11.62
N THR A 194 9.39 -8.45 12.25
CA THR A 194 10.43 -9.00 13.14
C THR A 194 11.01 -7.96 14.09
N PRO A 195 10.29 -7.62 15.15
CA PRO A 195 10.83 -6.66 16.12
C PRO A 195 12.16 -7.09 16.71
N GLY A 196 12.47 -8.37 16.70
CA GLY A 196 13.76 -8.82 17.19
C GLY A 196 14.94 -8.74 16.23
N ILE A 197 14.73 -8.30 14.99
CA ILE A 197 15.73 -8.31 13.94
C ILE A 197 15.75 -6.94 13.26
N SER A 198 16.88 -6.25 13.32
CA SER A 198 17.00 -4.98 12.61
C SER A 198 17.40 -5.20 11.15
N GLY A 199 16.97 -4.28 10.30
CA GLY A 199 17.45 -4.23 8.93
C GLY A 199 16.76 -5.11 7.92
N ASP A 200 15.77 -5.89 8.32
CA ASP A 200 15.05 -6.75 7.38
C ASP A 200 13.66 -6.18 7.08
N SER A 201 12.90 -6.93 6.30
CA SER A 201 11.58 -6.51 5.83
C SER A 201 10.95 -7.70 5.13
N LEU A 202 9.70 -7.53 4.69
CA LEU A 202 8.94 -8.59 4.03
C LEU A 202 9.43 -8.81 2.62
N ARG A 203 9.68 -7.71 1.90
CA ARG A 203 10.04 -7.71 0.50
C ARG A 203 10.93 -6.51 0.25
N SER A 204 11.78 -6.61 -0.76
CA SER A 204 12.58 -5.51 -1.26
C SER A 204 12.22 -5.23 -2.70
N MET A 205 11.94 -3.97 -3.02
CA MET A 205 11.75 -3.59 -4.43
C MET A 205 13.08 -3.37 -5.14
N SER A 206 14.09 -2.86 -4.42
CA SER A 206 15.37 -2.56 -5.04
C SER A 206 16.17 -3.82 -5.31
N ASP A 207 15.97 -4.87 -4.50
CA ASP A 207 16.67 -6.14 -4.67
C ASP A 207 15.77 -7.26 -4.18
N PRO A 208 14.75 -7.61 -4.95
CA PRO A 208 13.79 -8.62 -4.47
C PRO A 208 14.47 -9.92 -4.05
N ALA A 209 15.59 -10.26 -4.69
CA ALA A 209 16.23 -11.54 -4.44
C ALA A 209 16.85 -11.62 -3.05
N LYS A 210 17.02 -10.46 -2.38
CA LYS A 210 17.48 -10.45 -1.00
C LYS A 210 16.62 -11.36 -0.13
N TYR A 211 15.32 -11.44 -0.41
CA TYR A 211 14.39 -12.27 0.35
C TYR A 211 13.82 -13.42 -0.48
N GLY A 212 14.55 -13.83 -1.52
CA GLY A 212 14.22 -14.99 -2.32
C GLY A 212 13.26 -14.75 -3.45
N ASP A 213 12.81 -13.50 -3.66
CA ASP A 213 11.85 -13.25 -4.72
C ASP A 213 12.55 -12.97 -6.04
N PRO A 214 11.92 -13.35 -7.15
CA PRO A 214 12.56 -13.17 -8.47
C PRO A 214 12.70 -11.72 -8.86
N ASP A 215 13.75 -11.48 -9.63
CA ASP A 215 14.05 -10.15 -10.16
C ASP A 215 14.21 -10.21 -11.68
N HIS A 216 13.75 -11.29 -12.28
CA HIS A 216 13.81 -11.48 -13.73
C HIS A 216 12.74 -12.48 -14.11
N TYR A 217 12.11 -12.25 -15.25
CA TYR A 217 11.01 -13.11 -15.69
C TYR A 217 11.44 -14.57 -15.82
N SER A 218 12.69 -14.82 -16.17
CA SER A 218 13.18 -16.19 -16.31
C SER A 218 13.20 -16.93 -14.99
N LYS A 219 13.08 -16.22 -13.88
CA LYS A 219 13.10 -16.81 -12.55
C LYS A 219 11.72 -16.81 -11.92
N ARG A 220 10.68 -16.55 -12.70
CA ARG A 220 9.33 -16.45 -12.14
C ARG A 220 8.90 -17.79 -11.57
N TYR A 221 8.08 -17.70 -10.53
CA TYR A 221 7.46 -18.86 -9.93
C TYR A 221 6.28 -19.27 -10.78
N THR A 222 6.17 -20.57 -11.04
CA THR A 222 5.16 -21.13 -11.94
C THR A 222 4.23 -22.14 -11.27
N GLY A 223 4.34 -22.35 -9.96
CA GLY A 223 3.50 -23.28 -9.24
C GLY A 223 2.22 -22.65 -8.72
N THR A 224 1.60 -23.33 -7.75
CA THR A 224 0.27 -22.94 -7.30
C THR A 224 0.24 -22.22 -5.96
N GLN A 225 1.31 -22.29 -5.15
CA GLN A 225 1.32 -21.62 -3.86
C GLN A 225 1.04 -20.13 -4.04
N ASP A 226 0.48 -19.52 -3.02
CA ASP A 226 0.38 -18.06 -2.96
C ASP A 226 -0.40 -17.53 -4.16
N ASN A 227 -1.50 -18.21 -4.49
CA ASN A 227 -2.33 -17.83 -5.64
C ASN A 227 -1.53 -17.76 -6.93
N GLY A 228 -0.59 -18.68 -7.10
CA GLY A 228 0.29 -18.63 -8.25
C GLY A 228 1.40 -17.62 -8.13
N GLY A 229 1.87 -17.38 -6.90
CA GLY A 229 3.02 -16.54 -6.68
C GLY A 229 2.79 -15.05 -6.69
N VAL A 230 1.63 -14.57 -6.22
CA VAL A 230 1.33 -13.16 -6.39
C VAL A 230 2.26 -12.29 -5.57
N HIS A 231 2.73 -12.77 -4.41
CA HIS A 231 3.67 -12.00 -3.59
C HIS A 231 5.11 -12.33 -3.91
N ILE A 232 5.34 -13.27 -4.84
CA ILE A 232 6.67 -13.73 -5.23
C ILE A 232 7.00 -13.06 -6.54
N ASN A 233 6.18 -13.30 -7.57
CA ASN A 233 6.44 -12.71 -8.87
C ASN A 233 6.23 -11.21 -8.90
N SER A 234 5.61 -10.62 -7.87
CA SER A 234 5.57 -9.17 -7.78
C SER A 234 6.98 -8.58 -7.79
N GLY A 235 7.98 -9.35 -7.36
CA GLY A 235 9.36 -8.87 -7.36
C GLY A 235 9.85 -8.46 -8.74
N ILE A 236 9.36 -9.12 -9.77
CA ILE A 236 9.79 -8.79 -11.12
C ILE A 236 9.29 -7.41 -11.51
N ILE A 237 8.04 -7.10 -11.18
CA ILE A 237 7.48 -5.79 -11.48
C ILE A 237 8.00 -4.74 -10.51
N ASN A 238 8.15 -5.08 -9.23
CA ASN A 238 8.71 -4.13 -8.28
C ASN A 238 10.11 -3.69 -8.70
N LYS A 239 10.92 -4.63 -9.19
CA LYS A 239 12.26 -4.28 -9.64
C LYS A 239 12.20 -3.35 -10.84
N ALA A 240 11.30 -3.63 -11.79
CA ALA A 240 11.14 -2.75 -12.93
C ALA A 240 10.77 -1.34 -12.50
N ALA A 241 9.81 -1.20 -11.59
CA ALA A 241 9.41 0.11 -11.09
C ALA A 241 10.58 0.82 -10.40
N TYR A 242 11.29 0.10 -9.54
CA TYR A 242 12.48 0.66 -8.91
C TYR A 242 13.46 1.17 -9.96
N LEU A 243 13.69 0.38 -11.01
CA LEU A 243 14.63 0.81 -12.03
C LEU A 243 14.14 2.04 -12.77
N ILE A 244 12.83 2.10 -13.05
CA ILE A 244 12.30 3.28 -13.72
C ILE A 244 12.59 4.53 -12.92
N SER A 245 12.37 4.46 -11.60
CA SER A 245 12.55 5.63 -10.74
C SER A 245 14.02 5.94 -10.50
N GLN A 246 14.79 4.94 -10.09
CA GLN A 246 16.12 5.18 -9.56
C GLN A 246 17.23 4.84 -10.54
N GLY A 247 16.94 4.12 -11.60
CA GLY A 247 17.95 3.72 -12.55
C GLY A 247 18.81 2.58 -12.04
N GLY A 248 19.70 2.13 -12.92
CA GLY A 248 20.65 1.12 -12.56
C GLY A 248 20.92 0.17 -13.71
N THR A 249 21.88 -0.72 -13.55
CA THR A 249 22.16 -1.74 -14.54
C THR A 249 21.85 -3.09 -13.91
N HIS A 250 21.02 -3.87 -14.57
CA HIS A 250 20.44 -5.08 -14.01
C HIS A 250 20.50 -6.14 -15.10
N TYR A 251 21.16 -7.26 -14.80
CA TYR A 251 21.46 -8.29 -15.78
C TYR A 251 22.01 -7.67 -17.07
N GLY A 252 22.90 -6.71 -16.91
CA GLY A 252 23.58 -6.15 -18.05
C GLY A 252 22.80 -5.12 -18.84
N VAL A 253 21.60 -4.74 -18.39
CA VAL A 253 20.77 -3.75 -19.08
C VAL A 253 20.74 -2.48 -18.24
N SER A 254 21.10 -1.36 -18.85
CA SER A 254 21.18 -0.08 -18.17
C SER A 254 19.89 0.71 -18.30
N VAL A 255 19.40 1.24 -17.19
CA VAL A 255 18.16 2.01 -17.14
C VAL A 255 18.48 3.39 -16.60
N VAL A 256 18.03 4.43 -17.30
CA VAL A 256 18.17 5.81 -16.84
C VAL A 256 16.97 6.15 -15.95
N GLY A 257 17.24 6.46 -14.68
CA GLY A 257 16.15 6.76 -13.77
C GLY A 257 15.48 8.08 -14.08
N ILE A 258 14.17 8.14 -13.83
CA ILE A 258 13.39 9.36 -14.08
C ILE A 258 12.72 9.89 -12.83
N GLY A 259 12.89 9.24 -11.69
CA GLY A 259 12.43 9.77 -10.43
C GLY A 259 11.08 9.22 -10.01
N ARG A 260 10.78 9.37 -8.71
CA ARG A 260 9.59 8.74 -8.13
C ARG A 260 8.31 9.37 -8.66
N ASP A 261 8.29 10.68 -8.81
CA ASP A 261 7.04 11.34 -9.20
C ASP A 261 6.59 10.86 -10.57
N LYS A 262 7.53 10.73 -11.51
CA LYS A 262 7.17 10.26 -12.83
C LYS A 262 6.83 8.77 -12.83
N LEU A 263 7.51 7.96 -12.01
CA LEU A 263 7.09 6.57 -11.83
C LEU A 263 5.63 6.52 -11.43
N GLY A 264 5.28 7.30 -10.42
CA GLY A 264 3.91 7.27 -9.93
C GLY A 264 2.91 7.71 -10.98
N LYS A 265 3.24 8.75 -11.75
CA LYS A 265 2.34 9.20 -12.80
C LYS A 265 2.14 8.14 -13.86
N ILE A 266 3.24 7.48 -14.25
CA ILE A 266 3.14 6.48 -15.30
C ILE A 266 2.33 5.28 -14.84
N PHE A 267 2.62 4.79 -13.63
CA PHE A 267 1.89 3.61 -13.17
C PHE A 267 0.46 3.95 -12.75
N TYR A 268 0.20 5.16 -12.25
CA TYR A 268 -1.18 5.53 -11.97
C TYR A 268 -1.99 5.58 -13.25
N ARG A 269 -1.43 6.15 -14.32
CA ARG A 269 -2.13 6.18 -15.59
C ARG A 269 -2.33 4.78 -16.14
N ALA A 270 -1.32 3.91 -16.04
CA ALA A 270 -1.47 2.55 -16.51
C ALA A 270 -2.61 1.86 -15.78
N LEU A 271 -2.62 2.01 -14.45
CA LEU A 271 -3.62 1.36 -13.61
C LEU A 271 -5.03 1.82 -13.96
N THR A 272 -5.20 3.12 -14.23
CA THR A 272 -6.54 3.69 -14.34
C THR A 272 -7.04 3.80 -15.76
N GLN A 273 -6.17 3.69 -16.77
CA GLN A 273 -6.59 3.85 -18.15
C GLN A 273 -6.28 2.65 -19.04
N TYR A 274 -5.38 1.74 -18.65
CA TYR A 274 -4.99 0.71 -19.60
C TYR A 274 -5.10 -0.71 -19.08
N LEU A 275 -4.83 -0.94 -17.80
CA LEU A 275 -4.84 -2.31 -17.29
C LEU A 275 -6.28 -2.81 -17.16
N THR A 276 -6.43 -4.14 -17.26
CA THR A 276 -7.72 -4.80 -17.17
C THR A 276 -7.62 -5.96 -16.18
N PRO A 277 -8.73 -6.66 -15.90
CA PRO A 277 -8.65 -7.73 -14.90
C PRO A 277 -7.70 -8.86 -15.25
N THR A 278 -7.44 -9.14 -16.53
CA THR A 278 -6.59 -10.26 -16.92
C THR A 278 -5.24 -9.83 -17.50
N SER A 279 -4.85 -8.58 -17.32
CA SER A 279 -3.56 -8.14 -17.85
C SER A 279 -2.42 -9.02 -17.33
N ASN A 280 -1.52 -9.40 -18.23
CA ASN A 280 -0.31 -10.10 -17.84
C ASN A 280 0.87 -9.14 -17.90
N PHE A 281 2.07 -9.66 -17.61
CA PHE A 281 3.25 -8.80 -17.52
C PHE A 281 3.52 -8.08 -18.83
N SER A 282 3.41 -8.80 -19.95
CA SER A 282 3.65 -8.20 -21.26
C SER A 282 2.66 -7.08 -21.51
N GLN A 283 1.42 -7.27 -21.12
CA GLN A 283 0.43 -6.21 -21.27
C GLN A 283 0.70 -5.05 -20.33
N LEU A 284 1.25 -5.31 -19.15
CA LEU A 284 1.67 -4.22 -18.28
C LEU A 284 2.77 -3.38 -18.93
N ARG A 285 3.76 -4.03 -19.53
CA ARG A 285 4.78 -3.27 -20.24
C ARG A 285 4.14 -2.35 -21.29
N ALA A 286 3.21 -2.92 -22.08
CA ALA A 286 2.55 -2.11 -23.11
C ALA A 286 1.76 -0.94 -22.50
N ALA A 287 1.07 -1.18 -21.39
CA ALA A 287 0.32 -0.11 -20.72
C ALA A 287 1.26 0.96 -20.18
N ALA A 288 2.38 0.57 -19.58
CA ALA A 288 3.31 1.55 -19.04
C ALA A 288 3.96 2.36 -20.16
N VAL A 289 4.31 1.70 -21.26
CA VAL A 289 4.89 2.42 -22.40
C VAL A 289 3.87 3.39 -22.98
N GLN A 290 2.62 2.94 -23.13
CA GLN A 290 1.62 3.85 -23.66
C GLN A 290 1.38 5.01 -22.70
N SER A 291 1.37 4.73 -21.40
CA SER A 291 1.11 5.78 -20.41
C SER A 291 2.20 6.84 -20.44
N ALA A 292 3.46 6.41 -20.49
CA ALA A 292 4.56 7.36 -20.57
C ALA A 292 4.55 8.12 -21.90
N THR A 293 4.12 7.46 -22.98
CA THR A 293 3.94 8.17 -24.25
C THR A 293 2.90 9.27 -24.11
N ASP A 294 1.73 8.94 -23.53
CA ASP A 294 0.68 9.93 -23.30
C ASP A 294 1.24 11.15 -22.55
N LEU A 295 2.03 10.89 -21.51
CA LEU A 295 2.41 11.95 -20.58
C LEU A 295 3.61 12.75 -21.07
N TYR A 296 4.53 12.08 -21.74
CA TYR A 296 5.84 12.66 -22.02
C TYR A 296 6.23 12.64 -23.49
N GLY A 297 5.55 11.90 -24.33
CA GLY A 297 5.85 11.89 -25.75
C GLY A 297 6.62 10.65 -26.13
N SER A 298 6.39 10.18 -27.36
CA SER A 298 6.93 8.89 -27.80
C SER A 298 8.46 8.88 -27.84
N THR A 299 9.09 10.03 -28.09
CA THR A 299 10.55 10.11 -28.17
C THR A 299 11.18 10.49 -26.85
N SER A 300 10.42 10.43 -25.76
CA SER A 300 10.89 10.96 -24.49
C SER A 300 11.85 9.99 -23.81
N GLN A 301 12.69 10.56 -22.94
CA GLN A 301 13.50 9.73 -22.06
C GLN A 301 12.62 8.83 -21.21
N GLU A 302 11.50 9.37 -20.73
CA GLU A 302 10.63 8.60 -19.86
C GLU A 302 10.17 7.32 -20.54
N VAL A 303 9.78 7.41 -21.80
CA VAL A 303 9.38 6.22 -22.54
C VAL A 303 10.55 5.27 -22.71
N ALA A 304 11.74 5.82 -23.02
CA ALA A 304 12.90 4.97 -23.22
C ALA A 304 13.25 4.22 -21.95
N SER A 305 13.10 4.87 -20.79
CA SER A 305 13.46 4.24 -19.52
C SER A 305 12.47 3.16 -19.14
N VAL A 306 11.19 3.34 -19.46
CA VAL A 306 10.22 2.29 -19.21
C VAL A 306 10.59 1.04 -19.99
N LYS A 307 10.93 1.21 -21.28
CA LYS A 307 11.35 0.06 -22.09
C LYS A 307 12.59 -0.61 -21.54
N GLN A 308 13.60 0.18 -21.17
N GLN A 308 13.59 0.19 -21.13
CA GLN A 308 14.83 -0.38 -20.60
C GLN A 308 14.52 -1.20 -19.34
C GLN A 308 14.57 -1.18 -19.32
N ALA A 309 13.67 -0.68 -18.47
CA ALA A 309 13.39 -1.34 -17.20
C ALA A 309 12.72 -2.69 -17.41
N PHE A 310 11.74 -2.74 -18.31
CA PHE A 310 11.12 -4.03 -18.59
C PHE A 310 12.08 -4.96 -19.33
N ASP A 311 12.92 -4.42 -20.22
CA ASP A 311 13.99 -5.24 -20.81
C ASP A 311 14.86 -5.86 -19.73
N ALA A 312 15.22 -5.06 -18.72
CA ALA A 312 16.16 -5.52 -17.70
C ALA A 312 15.61 -6.68 -16.90
N VAL A 313 14.29 -6.72 -16.68
CA VAL A 313 13.67 -7.83 -15.95
C VAL A 313 13.09 -8.88 -16.89
N GLY A 314 13.41 -8.81 -18.17
CA GLY A 314 13.06 -9.90 -19.07
C GLY A 314 11.64 -9.94 -19.54
N VAL A 315 10.92 -8.82 -19.49
CA VAL A 315 9.51 -8.75 -19.85
C VAL A 315 9.39 -8.00 -21.16
N LYS A 316 8.96 -8.70 -22.20
CA LYS A 316 8.76 -8.07 -23.50
C LYS A 316 7.28 -7.93 -23.78
ZN ZN B . -1.32 -7.13 -1.10
CA CA C . -8.46 7.65 26.06
CA CA D . 9.06 0.77 3.43
CA CA E . 10.76 3.04 5.96
CA CA F . 12.67 -6.49 11.75
S DMS G . 16.78 5.33 0.46
O DMS G . 15.96 4.35 -0.30
C1 DMS G . 15.71 6.79 0.69
C2 DMS G . 16.82 4.77 2.19
S DMS H . -8.85 -3.99 26.60
O DMS H . -7.58 -3.24 26.63
C1 DMS H . -9.94 -3.25 25.35
C2 DMS H . -8.58 -5.62 25.87
C5 OZE I . 1.26 -8.84 2.46
C6 OZE I . 0.19 -7.82 2.80
N1 OZE I . -1.16 -8.37 2.73
C2 OZE I . 2.10 -10.41 5.61
C4 OZE I . 1.91 -11.18 2.41
C7 OZE I . -3.40 -9.46 1.47
N2 OZE I . -4.12 -9.45 0.19
C9 OZE I . -4.13 -11.74 2.22
C8 OZE I . -2.95 -10.88 1.86
C10 OZE I . -4.59 -11.79 3.53
C11 OZE I . -5.70 -12.56 3.85
N OZE I . 0.96 -10.11 2.68
C OZE I . 3.63 -12.36 5.65
O OZE I . 2.35 -8.47 2.00
C1 OZE I . 2.52 -11.67 4.88
C12 OZE I . -6.35 -13.28 2.88
C13 OZE I . -5.88 -13.26 1.59
C14 OZE I . -4.79 -12.48 1.26
C15 OZE I . -5.11 -8.58 -0.01
C16 OZE I . -6.63 -7.72 -1.59
C17 OZE I . -7.43 -8.22 -2.75
C18 OZE I . -6.82 -8.43 -3.98
C19 OZE I . -7.57 -8.80 -5.08
C20 OZE I . -8.93 -8.97 -4.96
C21 OZE I . -9.54 -8.79 -3.74
C22 OZE I . -8.80 -8.41 -2.65
C23 OZE I . 1.17 -12.52 2.25
C3 OZE I . 3.00 -11.31 3.48
O1 OZE I . -2.58 -6.96 1.03
O2 OZE I . -1.09 -8.78 0.18
O3 OZE I . -5.55 -7.81 0.81
O4 OZE I . -5.59 -8.70 -1.26
O5 OZE I . 1.85 -13.50 1.88
O6 OZE I . -0.06 -12.55 2.49
P OZE I . -1.99 -8.28 1.29
#